data_4EIG
#
_entry.id   4EIG
#
_cell.length_a   72.270
_cell.length_b   72.270
_cell.length_c   140.371
_cell.angle_alpha   90.00
_cell.angle_beta   90.00
_cell.angle_gamma   120.00
#
_symmetry.space_group_name_H-M   'P 65'
#
loop_
_entity.id
_entity.type
_entity.pdbx_description
1 polymer 'Dihydrofolate reductase'
2 polymer 'CA1698 camel antibody fragment'
3 water water
#
loop_
_entity_poly.entity_id
_entity_poly.type
_entity_poly.pdbx_seq_one_letter_code
_entity_poly.pdbx_strand_id
1 'polypeptide(L)'
;MISLIAALAVDRVIGMENAMPWNLPADLAWFKRNTLNKPVIMGRHTWESIGRPLPGRKNIILSSQPGTDDRVTWVKSVDE
AIAACGDVPEIMVIGGGRVYEQFLPKAQKLYLTHIDAEVEGDTHFPDYEPDDWESVFSEFHDADAQNSHSYCFEILERR
;
A
2 'polypeptide(L)'
;QVQLQESGGGLVQAGGSLRLSCKASGIIFSVYKMTWYRQAPGKERELVALITTNNNTMTVDSVKGRFTISRDNVQNTVYL
EMNNLKPEDTAVYYCNANRGLAGPAYWGQGTQVTVSSHHHHHH
;
B
#
# COMPACT_ATOMS: atom_id res chain seq x y z
N MET A 1 3.83 -0.13 -26.80
CA MET A 1 4.89 -0.25 -25.80
C MET A 1 4.34 -0.85 -24.50
N ILE A 2 4.88 -2.01 -24.12
CA ILE A 2 4.49 -2.68 -22.88
C ILE A 2 5.49 -2.36 -21.74
N SER A 3 4.96 -1.85 -20.64
CA SER A 3 5.77 -1.48 -19.46
C SER A 3 5.24 -2.19 -18.22
N LEU A 4 6.16 -2.64 -17.35
CA LEU A 4 5.78 -3.21 -16.05
C LEU A 4 6.01 -2.19 -14.95
N ILE A 5 5.13 -2.20 -13.96
CA ILE A 5 5.31 -1.38 -12.78
C ILE A 5 5.15 -2.23 -11.51
N ALA A 6 6.10 -2.10 -10.58
CA ALA A 6 6.11 -2.93 -9.39
C ALA A 6 6.82 -2.28 -8.20
N ALA A 7 6.37 -2.66 -7.00
CA ALA A 7 7.00 -2.28 -5.75
C ALA A 7 7.79 -3.47 -5.23
N LEU A 8 9.10 -3.34 -5.14
CA LEU A 8 9.97 -4.45 -4.69
C LEU A 8 10.50 -4.20 -3.28
N ALA A 9 10.24 -5.15 -2.38
CA ALA A 9 10.91 -5.15 -1.08
C ALA A 9 12.29 -5.78 -1.25
N VAL A 10 13.07 -5.86 -0.17
CA VAL A 10 14.40 -6.49 -0.24
C VAL A 10 14.35 -7.89 -0.88
N ASP A 11 15.36 -8.22 -1.67
CA ASP A 11 15.42 -9.47 -2.44
C ASP A 11 14.31 -9.62 -3.49
N ARG A 12 13.74 -8.48 -3.91
CA ARG A 12 12.72 -8.41 -4.94
C ARG A 12 11.43 -9.13 -4.55
N VAL A 13 11.16 -9.16 -3.24
CA VAL A 13 9.89 -9.67 -2.75
C VAL A 13 8.75 -8.76 -3.24
N ILE A 14 7.70 -9.37 -3.76
CA ILE A 14 6.50 -8.65 -4.14
C ILE A 14 5.27 -9.21 -3.43
N GLY A 15 4.29 -8.33 -3.22
CA GLY A 15 3.04 -8.73 -2.60
C GLY A 15 1.93 -7.75 -2.92
N MET A 16 0.77 -7.97 -2.31
CA MET A 16 -0.36 -7.07 -2.43
C MET A 16 -0.20 -5.92 -1.45
N GLU A 17 -0.54 -4.71 -1.90
CA GLU A 17 -0.44 -3.51 -1.09
C GLU A 17 -1.00 -3.67 0.35
N ASN A 18 -2.20 -4.21 0.50
CA ASN A 18 -2.79 -4.30 1.84
C ASN A 18 -2.16 -5.37 2.72
N ALA A 19 -1.24 -6.17 2.17
CA ALA A 19 -0.57 -7.24 2.92
C ALA A 19 0.90 -6.89 3.23
N MET A 20 1.43 -5.91 2.53
CA MET A 20 2.81 -5.47 2.73
C MET A 20 2.88 -4.49 3.90
N PRO A 21 3.82 -4.72 4.82
CA PRO A 21 3.97 -3.97 6.07
C PRO A 21 4.74 -2.68 5.88
N TRP A 22 4.13 -1.76 5.11
CA TRP A 22 4.71 -0.44 4.92
C TRP A 22 3.60 0.58 4.65
N ASN A 23 3.93 1.86 4.73
CA ASN A 23 3.00 2.93 4.42
C ASN A 23 3.75 3.95 3.58
N LEU A 24 3.46 3.96 2.27
CA LEU A 24 4.22 4.77 1.32
C LEU A 24 3.36 5.62 0.38
N PRO A 25 2.73 6.68 0.91
CA PRO A 25 1.92 7.59 0.07
C PRO A 25 2.67 8.17 -1.13
N ALA A 26 3.98 8.38 -1.00
CA ALA A 26 4.76 8.80 -2.16
C ALA A 26 4.76 7.75 -3.28
N ASP A 27 4.76 6.46 -2.90
CA ASP A 27 4.72 5.41 -3.92
C ASP A 27 3.36 5.31 -4.59
N LEU A 28 2.29 5.40 -3.79
CA LEU A 28 0.93 5.43 -4.33
C LEU A 28 0.83 6.54 -5.40
N ALA A 29 1.29 7.75 -5.05
CA ALA A 29 1.28 8.87 -5.99
C ALA A 29 2.15 8.60 -7.23
N TRP A 30 3.30 7.97 -7.02
CA TRP A 30 4.16 7.57 -8.13
C TRP A 30 3.37 6.62 -9.04
N PHE A 31 2.70 5.66 -8.41
CA PHE A 31 1.89 4.67 -9.14
C PHE A 31 0.78 5.35 -9.94
N LYS A 32 0.02 6.20 -9.24
CA LYS A 32 -1.04 6.98 -9.88
C LYS A 32 -0.53 7.77 -11.09
N ARG A 33 0.58 8.49 -10.94
CA ARG A 33 1.10 9.30 -12.03
C ARG A 33 1.47 8.50 -13.28
N ASN A 34 2.04 7.32 -13.08
CA ASN A 34 2.55 6.55 -14.23
C ASN A 34 1.51 5.65 -14.92
N THR A 35 0.37 5.45 -14.27
CA THR A 35 -0.69 4.60 -14.82
C THR A 35 -1.90 5.40 -15.27
N LEU A 36 -1.91 6.70 -14.96
CA LEU A 36 -3.04 7.58 -15.31
C LEU A 36 -3.31 7.59 -16.82
N ASN A 37 -4.57 7.40 -17.19
CA ASN A 37 -5.01 7.43 -18.59
C ASN A 37 -4.35 6.38 -19.48
N LYS A 38 -3.81 5.32 -18.86
CA LYS A 38 -3.26 4.20 -19.61
C LYS A 38 -4.05 2.93 -19.31
N PRO A 39 -4.11 2.00 -20.27
CA PRO A 39 -4.78 0.74 -19.93
C PRO A 39 -3.87 -0.05 -18.99
N VAL A 40 -4.47 -0.81 -18.07
CA VAL A 40 -3.69 -1.67 -17.18
C VAL A 40 -4.07 -3.16 -17.31
N ILE A 41 -3.09 -4.02 -17.11
CA ILE A 41 -3.31 -5.45 -17.21
C ILE A 41 -2.88 -6.10 -15.89
N MET A 42 -3.71 -6.99 -15.37
CA MET A 42 -3.39 -7.60 -14.09
C MET A 42 -3.94 -9.02 -13.99
N GLY A 43 -3.41 -9.79 -13.05
CA GLY A 43 -3.88 -11.15 -12.82
C GLY A 43 -5.08 -11.22 -11.88
N ARG A 44 -5.71 -12.40 -11.90
CA ARG A 44 -6.77 -12.83 -10.98
C ARG A 44 -6.60 -12.31 -9.56
N HIS A 45 -5.47 -12.65 -8.95
CA HIS A 45 -5.24 -12.36 -7.53
C HIS A 45 -5.11 -10.86 -7.29
N THR A 46 -4.39 -10.18 -8.17
CA THR A 46 -4.25 -8.73 -8.04
C THR A 46 -5.62 -8.07 -8.16
N TRP A 47 -6.42 -8.53 -9.12
CA TRP A 47 -7.80 -8.05 -9.25
C TRP A 47 -8.61 -8.22 -7.97
N GLU A 48 -8.46 -9.37 -7.31
CA GLU A 48 -9.24 -9.66 -6.12
C GLU A 48 -8.79 -8.83 -4.94
N SER A 49 -7.49 -8.55 -4.87
CA SER A 49 -6.97 -7.74 -3.78
C SER A 49 -7.28 -6.25 -3.98
N ILE A 50 -7.42 -5.81 -5.22
CA ILE A 50 -7.56 -4.39 -5.48
C ILE A 50 -9.00 -3.94 -5.28
N GLY A 51 -9.95 -4.86 -5.43
CA GLY A 51 -11.33 -4.61 -5.02
C GLY A 51 -12.21 -3.83 -6.00
N ARG A 52 -11.58 -2.99 -6.82
CA ARG A 52 -12.31 -2.19 -7.78
C ARG A 52 -11.33 -1.70 -8.86
N PRO A 53 -11.85 -1.34 -10.04
CA PRO A 53 -10.94 -0.92 -11.10
C PRO A 53 -10.21 0.38 -10.75
N LEU A 54 -9.01 0.54 -11.29
CA LEU A 54 -8.37 1.84 -11.35
C LEU A 54 -9.20 2.73 -12.30
N PRO A 55 -9.63 3.91 -11.83
CA PRO A 55 -10.57 4.78 -12.55
C PRO A 55 -9.93 5.49 -13.75
N GLY A 56 -10.74 5.80 -14.76
CA GLY A 56 -10.28 6.55 -15.93
C GLY A 56 -9.40 5.75 -16.87
N ARG A 57 -9.26 4.46 -16.57
CA ARG A 57 -8.43 3.56 -17.38
C ARG A 57 -9.27 2.39 -17.82
N LYS A 58 -8.78 1.66 -18.81
CA LYS A 58 -9.29 0.35 -19.14
C LYS A 58 -8.52 -0.70 -18.32
N ASN A 59 -9.25 -1.58 -17.64
CA ASN A 59 -8.65 -2.61 -16.78
C ASN A 59 -8.83 -4.02 -17.38
N ILE A 60 -7.74 -4.68 -17.70
CA ILE A 60 -7.84 -6.01 -18.29
C ILE A 60 -7.41 -7.06 -17.29
N ILE A 61 -8.32 -7.97 -16.94
CA ILE A 61 -8.00 -9.05 -16.00
C ILE A 61 -7.67 -10.33 -16.77
N LEU A 62 -6.42 -10.76 -16.67
CA LEU A 62 -5.95 -11.98 -17.33
C LEU A 62 -6.12 -13.19 -16.41
N SER A 63 -6.98 -14.11 -16.79
CA SER A 63 -7.24 -15.31 -15.98
C SER A 63 -7.80 -16.49 -16.78
N SER A 64 -7.42 -17.69 -16.37
CA SER A 64 -7.96 -18.92 -16.94
C SER A 64 -9.40 -19.11 -16.51
N GLN A 65 -9.65 -18.82 -15.23
CA GLN A 65 -10.99 -18.90 -14.65
C GLN A 65 -11.65 -17.54 -14.64
N PRO A 66 -12.36 -17.20 -15.74
CA PRO A 66 -12.88 -15.85 -15.94
C PRO A 66 -13.98 -15.52 -14.93
N GLY A 67 -14.17 -14.23 -14.65
CA GLY A 67 -15.17 -13.78 -13.71
C GLY A 67 -16.37 -13.16 -14.40
N THR A 68 -17.21 -12.49 -13.62
CA THR A 68 -18.46 -11.97 -14.15
C THR A 68 -18.53 -10.46 -14.05
N ASP A 69 -17.56 -9.85 -13.36
CA ASP A 69 -17.56 -8.41 -13.13
C ASP A 69 -17.75 -7.60 -14.43
N ASP A 70 -18.67 -6.64 -14.38
CA ASP A 70 -19.08 -5.89 -15.57
C ASP A 70 -18.30 -4.60 -15.85
N ARG A 71 -17.25 -4.35 -15.07
CA ARG A 71 -16.50 -3.10 -15.18
C ARG A 71 -15.15 -3.28 -15.86
N VAL A 72 -14.71 -4.52 -15.91
CA VAL A 72 -13.40 -4.86 -16.47
C VAL A 72 -13.55 -5.74 -17.71
N THR A 73 -12.43 -6.05 -18.34
CA THR A 73 -12.42 -6.95 -19.49
C THR A 73 -11.71 -8.25 -19.15
N TRP A 74 -12.41 -9.37 -19.30
CA TRP A 74 -11.86 -10.66 -18.93
C TRP A 74 -11.22 -11.37 -20.13
N VAL A 75 -9.91 -11.55 -20.07
CA VAL A 75 -9.19 -12.29 -21.11
C VAL A 75 -8.55 -13.55 -20.55
N LYS A 76 -8.12 -14.43 -21.44
CA LYS A 76 -7.62 -15.73 -21.04
C LYS A 76 -6.21 -16.02 -21.57
N SER A 77 -5.68 -15.11 -22.37
CA SER A 77 -4.31 -15.24 -22.85
C SER A 77 -3.60 -13.90 -22.89
N VAL A 78 -2.27 -13.96 -22.92
CA VAL A 78 -1.43 -12.77 -23.10
C VAL A 78 -1.75 -12.00 -24.39
N ASP A 79 -1.82 -12.71 -25.52
CA ASP A 79 -2.10 -12.06 -26.79
C ASP A 79 -3.44 -11.30 -26.73
N GLU A 80 -4.46 -11.98 -26.21
CA GLU A 80 -5.80 -11.41 -26.10
C GLU A 80 -5.78 -10.14 -25.23
N ALA A 81 -4.98 -10.17 -24.16
CA ALA A 81 -4.89 -9.05 -23.21
C ALA A 81 -4.26 -7.81 -23.85
N ILE A 82 -3.31 -8.03 -24.75
CA ILE A 82 -2.64 -6.92 -25.44
C ILE A 82 -3.57 -6.30 -26.48
N ALA A 83 -4.31 -7.15 -27.19
CA ALA A 83 -5.24 -6.67 -28.21
C ALA A 83 -6.38 -5.86 -27.58
N ALA A 84 -6.87 -6.35 -26.45
CA ALA A 84 -7.97 -5.69 -25.76
C ALA A 84 -7.59 -4.31 -25.24
N CYS A 85 -6.29 -4.02 -25.23
CA CYS A 85 -5.80 -2.70 -24.81
C CYS A 85 -5.90 -1.74 -25.96
N GLY A 86 -5.77 -2.27 -27.17
CA GLY A 86 -5.92 -1.50 -28.38
C GLY A 86 -4.63 -0.80 -28.77
N ASP A 87 -4.78 0.23 -29.61
CA ASP A 87 -3.66 0.95 -30.17
C ASP A 87 -3.33 2.19 -29.34
N VAL A 88 -2.71 1.96 -28.19
CA VAL A 88 -2.30 3.03 -27.29
C VAL A 88 -0.78 3.11 -27.31
N PRO A 89 -0.20 4.27 -26.89
CA PRO A 89 1.27 4.35 -26.77
C PRO A 89 1.83 3.33 -25.76
N GLU A 90 1.31 3.35 -24.53
CA GLU A 90 1.90 2.55 -23.47
C GLU A 90 0.87 1.70 -22.71
N ILE A 91 1.17 0.42 -22.54
CA ILE A 91 0.36 -0.46 -21.69
C ILE A 91 1.09 -0.73 -20.37
N MET A 92 0.36 -0.62 -19.26
CA MET A 92 0.94 -0.80 -17.93
C MET A 92 0.57 -2.16 -17.35
N VAL A 93 1.57 -3.03 -17.14
CA VAL A 93 1.32 -4.33 -16.51
C VAL A 93 1.63 -4.25 -15.00
N ILE A 94 0.64 -4.54 -14.17
CA ILE A 94 0.75 -4.28 -12.72
C ILE A 94 0.80 -5.50 -11.78
N GLY A 95 0.89 -6.70 -12.33
CA GLY A 95 1.01 -7.90 -11.50
C GLY A 95 -0.15 -8.89 -11.61
N GLY A 96 -0.06 -9.99 -10.87
CA GLY A 96 1.03 -10.24 -9.94
C GLY A 96 2.21 -11.00 -10.53
N GLY A 97 2.77 -11.94 -9.75
CA GLY A 97 3.97 -12.68 -10.10
C GLY A 97 4.04 -13.34 -11.47
N ARG A 98 3.09 -14.23 -11.78
CA ARG A 98 3.11 -14.96 -13.06
C ARG A 98 2.99 -13.99 -14.22
N VAL A 99 2.09 -13.02 -14.06
CA VAL A 99 1.83 -12.07 -15.13
C VAL A 99 3.03 -11.17 -15.41
N TYR A 100 3.79 -10.84 -14.37
CA TYR A 100 5.07 -10.16 -14.58
C TYR A 100 5.98 -11.05 -15.43
N GLU A 101 6.13 -12.32 -15.03
CA GLU A 101 6.97 -13.28 -15.78
C GLU A 101 6.59 -13.34 -17.26
N GLN A 102 5.30 -13.47 -17.53
CA GLN A 102 4.78 -13.58 -18.90
C GLN A 102 5.01 -12.34 -19.78
N PHE A 103 4.93 -11.16 -19.20
CA PHE A 103 4.98 -9.92 -19.98
C PHE A 103 6.37 -9.30 -20.06
N LEU A 104 7.33 -9.88 -19.35
CA LEU A 104 8.68 -9.35 -19.32
C LEU A 104 9.41 -9.42 -20.68
N PRO A 105 9.45 -10.63 -21.31
CA PRO A 105 10.11 -10.70 -22.63
C PRO A 105 9.49 -9.77 -23.65
N LYS A 106 8.23 -9.39 -23.43
CA LYS A 106 7.55 -8.46 -24.32
C LYS A 106 7.65 -7.01 -23.85
N ALA A 107 8.28 -6.79 -22.70
CA ALA A 107 8.37 -5.47 -22.08
C ALA A 107 9.54 -4.64 -22.61
N GLN A 108 9.34 -3.34 -22.80
CA GLN A 108 10.43 -2.44 -23.18
C GLN A 108 10.69 -1.35 -22.12
N LYS A 109 10.02 -1.44 -20.98
CA LYS A 109 10.16 -0.42 -19.95
C LYS A 109 9.74 -0.91 -18.54
N LEU A 110 10.52 -0.57 -17.52
CA LEU A 110 10.19 -0.93 -16.14
C LEU A 110 10.15 0.29 -15.21
N TYR A 111 9.10 0.37 -14.41
CA TYR A 111 9.03 1.33 -13.32
C TYR A 111 9.16 0.56 -11.99
N LEU A 112 10.31 0.68 -11.33
CA LEU A 112 10.50 -0.03 -10.08
C LEU A 112 10.51 0.92 -8.90
N THR A 113 9.91 0.49 -7.79
CA THR A 113 10.12 1.17 -6.52
C THR A 113 10.85 0.23 -5.61
N HIS A 114 12.13 0.52 -5.36
CA HIS A 114 12.93 -0.29 -4.44
C HIS A 114 12.71 0.21 -3.02
N ILE A 115 11.99 -0.57 -2.23
CA ILE A 115 11.65 -0.18 -0.88
C ILE A 115 12.62 -0.86 0.09
N ASP A 116 13.23 -0.07 0.98
CA ASP A 116 14.17 -0.62 1.96
C ASP A 116 13.43 -1.19 3.18
N ALA A 117 12.92 -2.39 2.99
CA ALA A 117 12.11 -3.09 3.97
C ALA A 117 12.26 -4.60 3.76
N GLU A 118 12.67 -5.30 4.81
CA GLU A 118 12.74 -6.75 4.76
C GLU A 118 11.39 -7.38 5.09
N VAL A 119 10.84 -8.06 4.10
CA VAL A 119 9.52 -8.68 4.20
C VAL A 119 9.65 -10.14 3.79
N GLU A 120 9.01 -11.01 4.57
CA GLU A 120 8.85 -12.41 4.20
C GLU A 120 7.89 -12.52 3.02
N GLY A 121 8.22 -13.41 2.08
CA GLY A 121 7.44 -13.56 0.87
C GLY A 121 7.88 -14.77 0.09
N ASP A 122 6.92 -15.39 -0.60
CA ASP A 122 7.22 -16.52 -1.46
C ASP A 122 7.38 -16.02 -2.88
N THR A 123 6.71 -14.93 -3.20
CA THR A 123 6.72 -14.46 -4.59
C THR A 123 7.77 -13.38 -4.78
N HIS A 124 8.50 -13.48 -5.88
CA HIS A 124 9.55 -12.52 -6.21
C HIS A 124 9.39 -12.04 -7.63
N PHE A 125 9.82 -10.81 -7.86
CA PHE A 125 9.81 -10.25 -9.19
C PHE A 125 10.79 -11.04 -10.06
N PRO A 126 10.33 -11.47 -11.25
CA PRO A 126 11.12 -12.21 -12.25
C PRO A 126 12.56 -11.71 -12.39
N ASP A 127 13.52 -12.64 -12.44
CA ASP A 127 14.92 -12.29 -12.67
C ASP A 127 15.09 -11.70 -14.07
N TYR A 128 15.65 -10.50 -14.14
CA TYR A 128 15.85 -9.83 -15.42
C TYR A 128 17.31 -9.46 -15.63
N GLU A 129 17.90 -9.98 -16.71
CA GLU A 129 19.33 -9.79 -16.99
C GLU A 129 19.68 -8.31 -17.16
N PRO A 130 20.44 -7.78 -16.18
CA PRO A 130 20.76 -6.35 -16.09
C PRO A 130 21.59 -5.85 -17.28
N ASP A 131 22.18 -6.77 -18.03
CA ASP A 131 22.91 -6.41 -19.25
C ASP A 131 21.94 -5.95 -20.33
N ASP A 132 20.72 -6.50 -20.30
CA ASP A 132 19.71 -6.22 -21.31
C ASP A 132 18.92 -4.94 -21.02
N TRP A 133 19.12 -4.36 -19.84
CA TRP A 133 18.37 -3.17 -19.42
C TRP A 133 19.24 -1.98 -19.05
N GLU A 134 18.75 -0.78 -19.32
CA GLU A 134 19.45 0.46 -18.94
C GLU A 134 18.62 1.37 -18.03
N SER A 135 19.24 1.84 -16.95
CA SER A 135 18.62 2.82 -16.07
C SER A 135 18.62 4.20 -16.71
N VAL A 136 17.46 4.85 -16.75
CA VAL A 136 17.36 6.21 -17.30
C VAL A 136 16.90 7.19 -16.26
N PHE A 137 16.43 6.66 -15.13
CA PHE A 137 15.96 7.48 -14.02
C PHE A 137 16.04 6.76 -12.66
N SER A 138 16.61 7.43 -11.68
CA SER A 138 16.67 6.91 -10.31
C SER A 138 16.55 8.03 -9.30
N GLU A 139 15.78 7.80 -8.25
CA GLU A 139 15.57 8.84 -7.26
C GLU A 139 15.28 8.20 -5.89
N PHE A 140 16.21 8.45 -4.96
CA PHE A 140 16.12 7.91 -3.63
C PHE A 140 15.49 8.92 -2.68
N HIS A 141 14.67 8.42 -1.78
CA HIS A 141 14.03 9.25 -0.76
C HIS A 141 14.16 8.59 0.60
N ASP A 142 14.51 9.38 1.61
CA ASP A 142 14.48 8.84 2.96
C ASP A 142 13.07 8.62 3.48
N ALA A 143 12.94 7.77 4.49
CA ALA A 143 11.70 7.67 5.23
C ALA A 143 11.45 9.03 5.87
N ASP A 144 10.19 9.44 5.96
CA ASP A 144 9.86 10.70 6.59
C ASP A 144 8.61 10.56 7.46
N ALA A 145 7.94 11.67 7.78
CA ALA A 145 6.81 11.67 8.70
C ALA A 145 5.68 10.76 8.24
N GLN A 146 5.46 10.72 6.93
CA GLN A 146 4.35 9.97 6.35
C GLN A 146 4.78 8.65 5.73
N ASN A 147 6.04 8.56 5.32
CA ASN A 147 6.56 7.37 4.66
C ASN A 147 7.42 6.48 5.58
N SER A 148 6.99 5.22 5.72
CA SER A 148 7.53 4.30 6.74
C SER A 148 8.94 3.79 6.47
N HIS A 149 9.33 3.77 5.20
CA HIS A 149 10.67 3.29 4.82
C HIS A 149 11.30 4.18 3.76
N SER A 150 12.63 4.11 3.63
CA SER A 150 13.28 4.72 2.49
C SER A 150 12.96 3.94 1.21
N TYR A 151 13.03 4.59 0.06
CA TYR A 151 12.59 3.99 -1.21
C TYR A 151 13.26 4.64 -2.41
N CYS A 152 13.37 3.89 -3.50
CA CYS A 152 14.06 4.39 -4.68
C CYS A 152 13.21 4.18 -5.92
N PHE A 153 12.84 5.28 -6.57
CA PHE A 153 12.10 5.17 -7.82
C PHE A 153 13.12 4.89 -8.91
N GLU A 154 12.88 3.87 -9.71
CA GLU A 154 13.73 3.61 -10.86
C GLU A 154 12.93 3.36 -12.15
N ILE A 155 13.37 3.94 -13.27
CA ILE A 155 12.82 3.61 -14.59
C ILE A 155 13.89 2.95 -15.45
N LEU A 156 13.60 1.77 -15.97
CA LEU A 156 14.53 1.06 -16.86
C LEU A 156 13.94 0.94 -18.27
N GLU A 157 14.71 1.29 -19.28
CA GLU A 157 14.30 1.09 -20.67
C GLU A 157 15.16 -0.03 -21.26
N ARG A 158 14.57 -0.89 -22.08
CA ARG A 158 15.35 -1.96 -22.71
C ARG A 158 16.26 -1.42 -23.82
N ARG A 159 17.54 -1.82 -23.78
CA ARG A 159 18.55 -1.36 -24.74
C ARG A 159 18.63 0.16 -24.91
N GLN B 1 -21.06 9.42 5.24
CA GLN B 1 -20.99 8.80 6.56
C GLN B 1 -19.60 8.88 7.17
N VAL B 2 -19.48 8.40 8.41
CA VAL B 2 -18.17 8.21 9.03
C VAL B 2 -17.89 6.72 9.27
N GLN B 3 -16.94 6.18 8.50
CA GLN B 3 -16.65 4.75 8.52
C GLN B 3 -15.80 4.36 9.73
N LEU B 4 -14.95 5.28 10.19
CA LEU B 4 -14.01 4.99 11.26
C LEU B 4 -14.24 5.93 12.44
N GLN B 5 -14.28 5.37 13.65
CA GLN B 5 -14.46 6.15 14.87
C GLN B 5 -13.44 5.73 15.92
N GLU B 6 -12.57 6.67 16.30
CA GLU B 6 -11.60 6.46 17.37
C GLU B 6 -12.24 6.74 18.73
N SER B 7 -11.70 6.09 19.77
CA SER B 7 -12.01 6.42 21.16
C SER B 7 -10.85 5.93 22.01
N GLY B 8 -10.84 6.35 23.28
CA GLY B 8 -9.86 5.88 24.25
C GLY B 8 -8.89 6.98 24.62
N GLY B 9 -9.02 8.11 23.96
CA GLY B 9 -8.08 9.19 24.19
C GLY B 9 -8.34 9.91 25.50
N GLY B 10 -7.39 10.71 25.95
CA GLY B 10 -7.59 11.51 27.13
C GLY B 10 -6.30 12.05 27.74
N LEU B 11 -6.39 12.34 29.04
CA LEU B 11 -5.29 12.92 29.78
C LEU B 11 -4.68 11.86 30.70
N VAL B 12 -3.36 11.75 30.67
CA VAL B 12 -2.61 10.86 31.56
C VAL B 12 -1.29 11.54 31.96
N GLN B 13 -0.73 11.15 33.10
CA GLN B 13 0.61 11.65 33.43
C GLN B 13 1.68 10.86 32.66
N ALA B 14 2.88 11.42 32.65
CA ALA B 14 4.03 10.78 32.04
C ALA B 14 4.23 9.40 32.67
N GLY B 15 4.52 8.42 31.83
CA GLY B 15 4.76 7.07 32.31
C GLY B 15 3.51 6.23 32.39
N GLY B 16 2.35 6.86 32.19
CA GLY B 16 1.07 6.17 32.21
C GLY B 16 0.76 5.39 30.94
N SER B 17 -0.31 4.59 30.99
CA SER B 17 -0.75 3.78 29.86
C SER B 17 -2.09 4.24 29.33
N LEU B 18 -2.38 3.91 28.07
CA LEU B 18 -3.62 4.30 27.41
C LEU B 18 -3.93 3.27 26.32
N ARG B 19 -5.21 3.00 26.08
CA ARG B 19 -5.58 2.08 25.00
C ARG B 19 -6.57 2.69 24.01
N LEU B 20 -6.09 2.97 22.80
CA LEU B 20 -6.95 3.50 21.75
C LEU B 20 -7.58 2.41 20.89
N SER B 21 -8.81 2.66 20.46
CA SER B 21 -9.48 1.77 19.54
C SER B 21 -10.10 2.58 18.41
N CYS B 22 -10.29 1.92 17.28
CA CYS B 22 -10.93 2.52 16.13
C CYS B 22 -11.89 1.47 15.58
N LYS B 23 -13.19 1.74 15.66
CA LYS B 23 -14.18 0.79 15.16
C LYS B 23 -14.60 1.17 13.75
N ALA B 24 -14.58 0.22 12.82
CA ALA B 24 -15.00 0.50 11.45
C ALA B 24 -16.48 0.16 11.22
N SER B 25 -17.20 0.99 10.46
CA SER B 25 -18.60 0.69 10.09
C SER B 25 -18.85 0.70 8.57
N GLY B 26 -19.70 -0.21 8.13
CA GLY B 26 -20.08 -0.30 6.74
C GLY B 26 -19.02 -0.72 5.73
N ILE B 27 -17.89 -1.25 6.18
CA ILE B 27 -16.85 -1.72 5.26
C ILE B 27 -16.41 -3.15 5.57
N ILE B 28 -15.79 -3.82 4.61
CA ILE B 28 -15.27 -5.16 4.89
C ILE B 28 -13.87 -5.01 5.53
N PHE B 29 -13.87 -4.86 6.86
CA PHE B 29 -12.68 -4.54 7.64
C PHE B 29 -11.47 -5.41 7.31
N SER B 30 -11.69 -6.73 7.21
CA SER B 30 -10.59 -7.67 6.99
C SER B 30 -9.75 -7.37 5.74
N VAL B 31 -10.31 -6.67 4.76
CA VAL B 31 -9.51 -6.39 3.55
C VAL B 31 -8.74 -5.06 3.57
N TYR B 32 -8.68 -4.42 4.73
CA TYR B 32 -7.99 -3.13 4.85
C TYR B 32 -6.70 -3.14 5.66
N LYS B 33 -5.65 -2.51 5.13
CA LYS B 33 -4.48 -2.23 5.94
C LYS B 33 -4.85 -1.04 6.83
N MET B 34 -4.59 -1.17 8.13
CA MET B 34 -4.92 -0.09 9.07
C MET B 34 -3.67 0.58 9.59
N THR B 35 -3.75 1.91 9.76
CA THR B 35 -2.62 2.69 10.26
C THR B 35 -3.10 3.66 11.32
N TRP B 36 -2.26 3.90 12.32
CA TRP B 36 -2.47 5.02 13.24
C TRP B 36 -1.51 6.16 12.88
N TYR B 37 -2.03 7.37 12.86
CA TYR B 37 -1.26 8.59 12.65
C TYR B 37 -1.50 9.46 13.87
N ARG B 38 -0.69 10.50 14.02
CA ARG B 38 -0.98 11.49 15.05
C ARG B 38 -0.60 12.86 14.55
N GLN B 39 -1.23 13.88 15.11
CA GLN B 39 -0.92 15.23 14.73
C GLN B 39 -0.97 16.15 15.93
N ALA B 40 0.12 16.87 16.15
CA ALA B 40 0.14 17.95 17.14
C ALA B 40 -0.22 19.24 16.38
N PRO B 41 -0.91 20.17 17.06
CA PRO B 41 -1.41 21.42 16.49
C PRO B 41 -0.35 22.21 15.73
N GLY B 42 -0.60 22.44 14.44
CA GLY B 42 0.35 23.13 13.58
C GLY B 42 1.32 22.17 12.88
N LYS B 43 1.87 21.24 13.66
CA LYS B 43 2.74 20.18 13.14
C LYS B 43 1.94 19.28 12.19
N GLU B 44 2.63 18.59 11.27
CA GLU B 44 1.94 17.74 10.30
C GLU B 44 1.68 16.34 10.85
N ARG B 45 0.68 15.64 10.31
CA ARG B 45 0.37 14.29 10.77
C ARG B 45 1.52 13.35 10.46
N GLU B 46 1.86 12.48 11.40
CA GLU B 46 2.95 11.55 11.21
C GLU B 46 2.52 10.10 11.45
N LEU B 47 3.08 9.18 10.69
CA LEU B 47 2.78 7.77 10.85
C LEU B 47 3.23 7.31 12.24
N VAL B 48 2.38 6.56 12.92
CA VAL B 48 2.72 5.96 14.21
C VAL B 48 2.95 4.44 14.11
N ALA B 49 1.98 3.75 13.50
CA ALA B 49 1.99 2.29 13.38
C ALA B 49 0.99 1.80 12.31
N LEU B 50 1.29 0.66 11.69
CA LEU B 50 0.42 0.03 10.70
C LEU B 50 0.25 -1.45 10.99
N ILE B 51 -0.85 -2.02 10.50
CA ILE B 51 -1.04 -3.47 10.56
C ILE B 51 -1.69 -3.97 9.28
N THR B 52 -1.04 -4.94 8.61
CA THR B 52 -1.53 -5.42 7.31
C THR B 52 -2.72 -6.34 7.45
N THR B 53 -3.22 -6.80 6.30
CA THR B 53 -4.36 -7.73 6.31
C THR B 53 -3.94 -9.10 6.85
N ASN B 54 -2.64 -9.38 6.84
CA ASN B 54 -2.20 -10.65 7.42
C ASN B 54 -1.43 -10.50 8.74
N ASN B 55 -1.75 -9.41 9.45
CA ASN B 55 -1.27 -9.18 10.80
C ASN B 55 0.21 -8.84 10.95
N ASN B 56 0.88 -8.50 9.85
CA ASN B 56 2.21 -7.94 9.95
C ASN B 56 2.09 -6.51 10.49
N THR B 57 2.92 -6.20 11.48
CA THR B 57 2.94 -4.87 12.09
C THR B 57 4.23 -4.13 11.82
N MET B 58 4.18 -2.82 11.97
CA MET B 58 5.34 -1.97 11.91
C MET B 58 5.01 -0.77 12.83
N THR B 59 5.97 -0.36 13.65
CA THR B 59 5.82 0.81 14.51
C THR B 59 7.02 1.70 14.26
N VAL B 60 6.83 3.01 14.28
CA VAL B 60 7.98 3.88 14.01
C VAL B 60 8.93 3.95 15.23
N ASP B 61 10.19 4.34 14.97
CA ASP B 61 11.25 4.34 15.99
C ASP B 61 10.91 5.04 17.28
N SER B 62 10.30 6.22 17.18
CA SER B 62 9.97 7.02 18.36
C SER B 62 8.98 6.33 19.33
N VAL B 63 8.28 5.31 18.86
CA VAL B 63 7.34 4.61 19.75
C VAL B 63 7.68 3.12 19.92
N LYS B 64 8.75 2.67 19.29
CA LYS B 64 9.22 1.29 19.43
C LYS B 64 9.29 0.86 20.89
N GLY B 65 8.63 -0.26 21.20
CA GLY B 65 8.70 -0.82 22.53
C GLY B 65 7.71 -0.20 23.50
N ARG B 66 7.08 0.90 23.11
CA ARG B 66 6.08 1.57 23.94
C ARG B 66 4.67 1.36 23.41
N PHE B 67 4.51 1.49 22.10
CA PHE B 67 3.21 1.34 21.46
C PHE B 67 3.09 -0.02 20.76
N THR B 68 1.88 -0.56 20.76
CA THR B 68 1.60 -1.83 20.11
C THR B 68 0.27 -1.75 19.32
N ILE B 69 0.32 -2.16 18.07
CA ILE B 69 -0.84 -2.16 17.23
C ILE B 69 -1.34 -3.60 17.07
N SER B 70 -2.66 -3.78 17.10
CA SER B 70 -3.28 -5.07 16.80
C SER B 70 -4.67 -4.83 16.21
N ARG B 71 -5.31 -5.89 15.73
CA ARG B 71 -6.62 -5.76 15.12
C ARG B 71 -7.44 -6.97 15.52
N ASP B 72 -8.77 -6.80 15.57
CA ASP B 72 -9.69 -7.91 15.80
C ASP B 72 -10.74 -7.81 14.70
N ASN B 73 -10.60 -8.62 13.66
CA ASN B 73 -11.47 -8.53 12.49
C ASN B 73 -12.95 -8.74 12.85
N VAL B 74 -13.20 -9.60 13.84
CA VAL B 74 -14.55 -9.92 14.27
C VAL B 74 -15.27 -8.71 14.83
N GLN B 75 -14.53 -7.86 15.55
CA GLN B 75 -15.06 -6.63 16.12
C GLN B 75 -14.94 -5.41 15.21
N ASN B 76 -14.33 -5.58 14.03
CA ASN B 76 -14.08 -4.47 13.10
C ASN B 76 -13.25 -3.35 13.75
N THR B 77 -12.23 -3.74 14.50
CA THR B 77 -11.52 -2.77 15.36
C THR B 77 -10.01 -2.94 15.26
N VAL B 78 -9.29 -1.82 15.23
CA VAL B 78 -7.83 -1.85 15.35
C VAL B 78 -7.49 -1.15 16.66
N TYR B 79 -6.42 -1.58 17.30
CA TYR B 79 -6.06 -1.07 18.60
C TYR B 79 -4.67 -0.49 18.60
N LEU B 80 -4.50 0.56 19.40
CA LEU B 80 -3.18 1.07 19.74
C LEU B 80 -3.00 1.05 21.25
N GLU B 81 -2.28 0.06 21.71
CA GLU B 81 -1.93 -0.02 23.12
C GLU B 81 -0.70 0.87 23.39
N MET B 82 -0.88 1.92 24.20
CA MET B 82 0.22 2.86 24.49
C MET B 82 0.72 2.75 25.94
N ASN B 83 2.00 2.48 26.10
CA ASN B 83 2.60 2.42 27.43
C ASN B 83 3.74 3.41 27.57
N ASN B 84 4.15 3.67 28.82
CA ASN B 84 5.23 4.60 29.12
C ASN B 84 5.12 5.87 28.31
N LEU B 85 3.99 6.56 28.45
CA LEU B 85 3.72 7.76 27.66
C LEU B 85 4.55 8.94 28.11
N LYS B 86 4.85 9.81 27.14
CA LYS B 86 5.72 10.94 27.37
C LYS B 86 5.03 12.16 26.78
N PRO B 87 5.32 13.35 27.33
CA PRO B 87 4.66 14.58 26.86
C PRO B 87 4.72 14.78 25.34
N GLU B 88 5.81 14.35 24.71
CA GLU B 88 5.96 14.47 23.26
C GLU B 88 4.98 13.58 22.46
N ASP B 89 4.18 12.77 23.15
CA ASP B 89 3.19 11.91 22.47
C ASP B 89 1.83 12.60 22.43
N THR B 90 1.75 13.77 23.07
CA THR B 90 0.53 14.57 23.09
C THR B 90 0.15 14.96 21.67
N ALA B 91 -1.06 14.57 21.25
CA ALA B 91 -1.52 14.75 19.86
C ALA B 91 -2.96 14.30 19.69
N VAL B 92 -3.56 14.68 18.57
CA VAL B 92 -4.76 13.99 18.12
C VAL B 92 -4.33 12.75 17.34
N TYR B 93 -4.79 11.58 17.76
CA TYR B 93 -4.49 10.34 17.02
C TYR B 93 -5.61 9.97 16.07
N TYR B 94 -5.22 9.63 14.84
CA TYR B 94 -6.16 9.32 13.75
C TYR B 94 -5.94 7.93 13.22
N CYS B 95 -7.05 7.24 13.03
CA CYS B 95 -7.08 5.90 12.45
C CYS B 95 -7.25 6.10 10.95
N ASN B 96 -6.57 5.28 10.16
CA ASN B 96 -6.79 5.30 8.70
C ASN B 96 -6.90 3.88 8.12
N ALA B 97 -7.74 3.71 7.11
CA ALA B 97 -7.91 2.39 6.49
C ALA B 97 -7.70 2.49 4.97
N ASN B 98 -6.91 1.59 4.40
CA ASN B 98 -6.74 1.56 2.97
C ASN B 98 -6.85 0.17 2.34
N ARG B 99 -7.61 0.10 1.25
CA ARG B 99 -7.89 -1.15 0.55
C ARG B 99 -6.73 -1.62 -0.34
N GLY B 100 -6.08 -0.68 -1.03
CA GLY B 100 -5.00 -0.97 -1.94
C GLY B 100 -4.83 0.11 -2.99
N LEU B 101 -4.12 -0.20 -4.08
CA LEU B 101 -3.76 0.83 -5.06
C LEU B 101 -4.92 1.68 -5.61
N ALA B 102 -6.13 1.11 -5.63
CA ALA B 102 -7.28 1.81 -6.20
C ALA B 102 -8.16 2.39 -5.10
N GLY B 103 -7.68 2.31 -3.86
CA GLY B 103 -8.47 2.74 -2.72
C GLY B 103 -9.68 1.81 -2.58
N PRO B 104 -10.72 2.26 -1.86
CA PRO B 104 -10.79 3.56 -1.18
C PRO B 104 -9.95 3.61 0.12
N ALA B 105 -9.66 4.82 0.57
CA ALA B 105 -9.04 5.03 1.88
C ALA B 105 -9.96 5.88 2.75
N TYR B 106 -10.08 5.52 4.03
CA TYR B 106 -10.92 6.24 4.98
C TYR B 106 -10.12 6.75 6.18
N TRP B 107 -10.54 7.91 6.69
CA TRP B 107 -9.93 8.55 7.86
C TRP B 107 -10.95 8.69 8.97
N GLY B 108 -10.51 8.51 10.22
CA GLY B 108 -11.37 8.81 11.35
C GLY B 108 -11.39 10.30 11.67
N GLN B 109 -12.13 10.68 12.69
CA GLN B 109 -12.23 12.09 13.10
C GLN B 109 -11.22 12.40 14.21
N GLY B 110 -10.57 11.36 14.72
CA GLY B 110 -9.47 11.53 15.65
C GLY B 110 -9.85 11.62 17.12
N THR B 111 -8.90 11.27 18.00
CA THR B 111 -9.10 11.34 19.45
C THR B 111 -7.87 11.99 20.11
N GLN B 112 -8.13 12.89 21.07
CA GLN B 112 -7.08 13.69 21.68
C GLN B 112 -6.35 12.90 22.76
N VAL B 113 -5.02 12.93 22.71
CA VAL B 113 -4.20 12.40 23.79
C VAL B 113 -3.36 13.55 24.34
N THR B 114 -3.44 13.79 25.64
CA THR B 114 -2.59 14.80 26.28
C THR B 114 -1.78 14.14 27.42
N VAL B 115 -0.46 14.27 27.36
CA VAL B 115 0.37 13.75 28.45
C VAL B 115 0.92 14.87 29.33
N SER B 116 0.76 14.74 30.64
CA SER B 116 1.17 15.82 31.53
C SER B 116 2.53 15.58 32.17
N SER B 117 3.43 16.56 31.99
CA SER B 117 4.68 16.79 32.72
C SER B 117 5.65 17.63 31.90
#